data_5COC
#
_entry.id   5COC
#
_cell.length_a   98.807
_cell.length_b   98.807
_cell.length_c   31.675
_cell.angle_alpha   90.000
_cell.angle_beta   90.000
_cell.angle_gamma   90.000
#
_symmetry.space_group_name_H-M   'I 41'
#
loop_
_entity.id
_entity.type
_entity.pdbx_description
1 polymer 'Immunoglobulin G-binding protein A,Calmodulin'
2 non-polymer 'CALCIUM ION'
3 water water
#
_entity_poly.entity_id   1
_entity_poly.type   'polypeptide(L)'
_entity_poly.pdbx_seq_one_letter_code
;VDNKFNKEQQNAFYEILHLPNLNEEQRNAFIQSLKDDPSQSANLLAEAKCLNDAQAAAEECIAEFKEAFSLFDKDGDGTI
TTKELGTVMRSLGQNPTEAELQDMINEVDADGNGTIDFPEFLTMMARKMK
;
_entity_poly.pdbx_strand_id   A
#
# COMPACT_ATOMS: atom_id res chain seq x y z
N ASN A 6 0.34 25.37 -8.06
CA ASN A 6 1.02 25.71 -6.82
C ASN A 6 0.09 26.43 -5.87
N LYS A 7 -0.99 25.76 -5.47
CA LYS A 7 -1.99 26.42 -4.65
C LYS A 7 -2.43 25.50 -3.52
N GLU A 8 -2.88 24.30 -3.90
CA GLU A 8 -3.20 23.24 -2.95
C GLU A 8 -1.95 22.38 -2.76
N GLN A 9 -1.11 22.32 -3.81
CA GLN A 9 0.23 21.75 -3.71
C GLN A 9 0.95 22.33 -2.48
N GLN A 10 1.05 23.66 -2.49
CA GLN A 10 1.71 24.45 -1.44
C GLN A 10 1.21 24.09 -0.04
N ASN A 11 -0.10 24.00 0.10
CA ASN A 11 -0.67 23.53 1.35
C ASN A 11 -0.10 22.19 1.80
N ALA A 12 -0.16 21.18 0.93
CA ALA A 12 0.27 19.83 1.29
C ALA A 12 1.73 19.85 1.72
N PHE A 13 2.50 20.64 0.97
CA PHE A 13 3.92 20.83 1.21
C PHE A 13 4.13 21.18 2.66
N TYR A 14 3.43 22.24 3.07
CA TYR A 14 3.56 22.76 4.41
C TYR A 14 3.17 21.69 5.43
N GLU A 15 2.07 21.01 5.14
CA GLU A 15 1.50 20.06 6.11
C GLU A 15 2.49 18.94 6.40
N ILE A 16 3.20 18.52 5.33
CA ILE A 16 4.21 17.48 5.46
C ILE A 16 5.35 17.97 6.31
N LEU A 17 5.75 19.22 6.07
CA LEU A 17 6.80 19.85 6.84
C LEU A 17 6.56 19.75 8.33
N HIS A 18 5.30 19.83 8.71
CA HIS A 18 4.97 19.91 10.12
C HIS A 18 4.34 18.66 10.72
N LEU A 19 4.25 17.58 9.93
CA LEU A 19 3.89 16.28 10.47
C LEU A 19 4.93 15.85 11.50
N PRO A 20 4.54 15.87 12.79
CA PRO A 20 5.47 15.69 13.91
C PRO A 20 6.40 14.46 13.80
N ASN A 21 5.85 13.30 13.49
CA ASN A 21 6.55 12.05 13.80
C ASN A 21 7.55 11.62 12.75
N LEU A 22 7.43 12.18 11.56
CA LEU A 22 8.41 11.91 10.52
C LEU A 22 9.81 12.32 10.95
N ASN A 23 10.80 11.50 10.59
CA ASN A 23 12.18 11.93 10.74
C ASN A 23 12.51 12.82 9.54
N GLU A 24 13.69 13.42 9.57
CA GLU A 24 13.99 14.46 8.61
C GLU A 24 14.57 13.87 7.33
N GLU A 25 14.84 12.56 7.33
CA GLU A 25 15.12 11.84 6.08
C GLU A 25 13.79 11.56 5.36
N GLN A 26 12.80 11.14 6.14
CA GLN A 26 11.46 10.92 5.58
C GLN A 26 10.87 12.23 5.08
N ARG A 27 10.84 13.24 5.94
CA ARG A 27 10.41 14.58 5.53
C ARG A 27 11.02 14.92 4.16
N ASN A 28 12.35 14.87 4.08
CA ASN A 28 13.10 15.21 2.86
C ASN A 28 12.64 14.43 1.63
N ALA A 29 12.26 13.18 1.85
CA ALA A 29 11.81 12.34 0.75
C ALA A 29 10.58 12.90 0.09
N PHE A 30 9.52 13.08 0.88
CA PHE A 30 8.24 13.56 0.35
C PHE A 30 8.39 14.93 -0.29
N ILE A 31 9.23 15.76 0.32
CA ILE A 31 9.40 17.14 -0.11
C ILE A 31 9.96 17.23 -1.54
N GLN A 32 11.16 16.70 -1.75
CA GLN A 32 11.86 16.99 -3.00
C GLN A 32 11.21 16.21 -4.12
N SER A 33 10.48 15.18 -3.73
CA SER A 33 9.73 14.34 -4.65
C SER A 33 8.41 15.00 -5.07
N LEU A 34 7.91 15.90 -4.23
CA LEU A 34 6.70 16.66 -4.59
C LEU A 34 7.13 17.90 -5.38
N LYS A 35 8.40 18.26 -5.27
CA LYS A 35 8.96 19.27 -6.14
C LYS A 35 9.05 18.76 -7.59
N ASP A 36 9.56 17.54 -7.80
CA ASP A 36 9.72 17.01 -9.17
C ASP A 36 8.39 16.64 -9.82
N ASP A 37 7.35 16.55 -9.01
CA ASP A 37 6.04 16.17 -9.51
C ASP A 37 4.92 16.62 -8.56
N PRO A 38 4.56 17.91 -8.61
CA PRO A 38 3.50 18.47 -7.78
C PRO A 38 2.11 18.04 -8.21
N SER A 39 2.00 17.31 -9.30
CA SER A 39 0.69 16.84 -9.75
C SER A 39 0.27 15.72 -8.81
N GLN A 40 1.29 15.08 -8.22
CA GLN A 40 1.13 13.97 -7.28
C GLN A 40 0.99 14.43 -5.81
N SER A 41 0.52 15.66 -5.61
CA SER A 41 0.49 16.26 -4.28
C SER A 41 -0.36 15.46 -3.30
N ALA A 42 -1.62 15.22 -3.66
CA ALA A 42 -2.59 14.51 -2.80
C ALA A 42 -2.14 13.12 -2.40
N ASN A 43 -1.30 12.49 -3.22
CA ASN A 43 -0.87 11.11 -3.00
C ASN A 43 0.32 11.02 -2.06
N LEU A 44 1.25 11.95 -2.20
CA LEU A 44 2.39 12.00 -1.31
C LEU A 44 1.96 12.42 0.10
N LEU A 45 0.96 13.31 0.20
CA LEU A 45 0.49 13.74 1.52
C LEU A 45 -0.15 12.57 2.27
N ALA A 46 -1.01 11.84 1.57
CA ALA A 46 -1.62 10.63 2.09
C ALA A 46 -0.62 9.61 2.60
N GLU A 47 0.40 9.30 1.80
CA GLU A 47 1.39 8.32 2.21
C GLU A 47 2.11 8.77 3.49
N ALA A 48 2.51 10.05 3.54
CA ALA A 48 3.20 10.58 4.71
C ALA A 48 2.27 10.63 5.92
N LYS A 49 1.03 11.04 5.72
CA LYS A 49 0.02 11.02 6.76
C LYS A 49 -0.06 9.63 7.44
N CYS A 50 -0.03 8.58 6.62
CA CYS A 50 -0.03 7.20 7.10
C CYS A 50 1.27 6.88 7.82
N LEU A 51 2.38 7.31 7.23
CA LEU A 51 3.69 7.08 7.81
C LEU A 51 3.82 7.73 9.18
N ASN A 52 3.21 8.89 9.35
CA ASN A 52 3.37 9.68 10.56
C ASN A 52 2.45 9.23 11.69
N ASP A 53 1.18 9.02 11.37
CA ASP A 53 0.27 8.44 12.37
C ASP A 53 -0.64 7.36 11.74
N ALA A 54 -0.22 6.10 11.83
CA ALA A 54 -0.96 4.98 11.22
C ALA A 54 -2.30 4.74 11.88
N GLN A 55 -2.41 5.08 13.17
CA GLN A 55 -3.71 4.98 13.83
C GLN A 55 -4.56 6.18 13.37
N ALA A 56 -4.04 7.38 13.54
CA ALA A 56 -4.85 8.57 13.25
C ALA A 56 -5.19 8.75 11.78
N ALA A 57 -4.33 8.27 10.88
CA ALA A 57 -4.55 8.45 9.43
C ALA A 57 -5.10 7.17 8.75
N ALA A 58 -6.19 6.63 9.30
CA ALA A 58 -6.78 5.39 8.81
C ALA A 58 -7.21 5.43 7.33
N GLU A 59 -7.92 6.48 6.92
CA GLU A 59 -8.36 6.55 5.53
C GLU A 59 -7.19 6.57 4.55
N GLU A 60 -6.16 7.39 4.84
CA GLU A 60 -4.95 7.47 4.00
C GLU A 60 -4.22 6.13 3.88
N CYS A 61 -4.10 5.40 4.99
CA CYS A 61 -3.56 4.05 4.96
C CYS A 61 -4.40 3.09 4.09
N ILE A 62 -5.72 3.12 4.29
CA ILE A 62 -6.63 2.28 3.53
C ILE A 62 -6.48 2.63 2.05
N ALA A 63 -6.31 3.92 1.80
CA ALA A 63 -6.16 4.47 0.46
C ALA A 63 -5.02 3.82 -0.27
N GLU A 64 -3.85 3.94 0.34
CA GLU A 64 -2.64 3.42 -0.23
C GLU A 64 -2.75 1.89 -0.34
N PHE A 65 -3.26 1.27 0.71
CA PHE A 65 -3.38 -0.19 0.77
C PHE A 65 -4.30 -0.75 -0.31
N LYS A 66 -5.26 0.06 -0.75
CA LYS A 66 -6.14 -0.30 -1.86
C LYS A 66 -5.33 -0.42 -3.15
N GLU A 67 -4.52 0.61 -3.42
CA GLU A 67 -3.68 0.61 -4.62
C GLU A 67 -2.72 -0.59 -4.62
N ALA A 68 -2.21 -0.95 -3.45
CA ALA A 68 -1.43 -2.17 -3.29
C ALA A 68 -2.25 -3.39 -3.70
N PHE A 69 -3.50 -3.45 -3.22
CA PHE A 69 -4.39 -4.54 -3.57
C PHE A 69 -4.56 -4.63 -5.08
N SER A 70 -4.95 -3.51 -5.69
CA SER A 70 -5.17 -3.45 -7.12
C SER A 70 -3.97 -3.99 -7.93
N LEU A 71 -2.78 -3.94 -7.35
CA LEU A 71 -1.59 -4.40 -8.04
C LEU A 71 -1.60 -5.92 -8.27
N PHE A 72 -2.12 -6.66 -7.29
CA PHE A 72 -2.24 -8.12 -7.39
C PHE A 72 -3.52 -8.55 -8.05
N ASP A 73 -4.57 -7.80 -7.73
CA ASP A 73 -5.91 -8.04 -8.23
C ASP A 73 -6.05 -7.34 -9.59
N LYS A 74 -5.39 -7.92 -10.60
CA LYS A 74 -5.25 -7.29 -11.90
C LYS A 74 -6.58 -7.23 -12.67
N ASP A 75 -7.39 -8.28 -12.60
CA ASP A 75 -8.69 -8.28 -13.28
C ASP A 75 -9.71 -7.47 -12.46
N GLY A 76 -9.41 -7.28 -11.19
CA GLY A 76 -10.15 -6.33 -10.38
C GLY A 76 -11.46 -6.87 -9.81
N ASP A 77 -11.56 -8.20 -9.67
CA ASP A 77 -12.79 -8.81 -9.15
C ASP A 77 -12.84 -8.74 -7.61
N GLY A 78 -12.11 -7.77 -7.05
CA GLY A 78 -12.03 -7.54 -5.62
C GLY A 78 -11.47 -8.74 -4.87
N THR A 79 -10.64 -9.52 -5.55
CA THR A 79 -10.11 -10.75 -4.96
C THR A 79 -8.77 -11.14 -5.59
N ILE A 80 -7.83 -11.58 -4.75
CA ILE A 80 -6.57 -12.12 -5.22
C ILE A 80 -6.58 -13.65 -5.29
N THR A 81 -6.57 -14.14 -6.53
CA THR A 81 -6.55 -15.58 -6.78
C THR A 81 -5.14 -16.08 -6.53
N THR A 82 -4.98 -17.40 -6.53
CA THR A 82 -3.67 -18.03 -6.45
C THR A 82 -2.85 -17.68 -7.72
N LYS A 83 -3.56 -17.57 -8.86
CA LYS A 83 -2.93 -17.34 -10.16
C LYS A 83 -2.35 -15.93 -10.23
N GLU A 84 -3.13 -14.96 -9.75
CA GLU A 84 -2.74 -13.55 -9.75
C GLU A 84 -1.50 -13.32 -8.89
N LEU A 85 -1.43 -14.07 -7.79
CA LEU A 85 -0.25 -14.09 -6.94
C LEU A 85 0.96 -14.55 -7.76
N GLY A 86 0.80 -15.71 -8.41
CA GLY A 86 1.83 -16.25 -9.26
C GLY A 86 2.19 -15.29 -10.39
N THR A 87 1.18 -14.73 -11.04
CA THR A 87 1.38 -13.87 -12.19
C THR A 87 2.28 -12.69 -11.80
N VAL A 88 2.00 -12.11 -10.63
CA VAL A 88 2.75 -10.95 -10.14
C VAL A 88 4.18 -11.33 -9.74
N MET A 89 4.31 -12.47 -9.08
CA MET A 89 5.57 -12.90 -8.50
C MET A 89 6.60 -13.28 -9.55
N ARG A 90 6.15 -14.05 -10.55
CA ARG A 90 7.03 -14.49 -11.66
C ARG A 90 7.42 -13.33 -12.57
N SER A 91 6.60 -12.28 -12.58
CA SER A 91 6.95 -11.01 -13.21
C SER A 91 8.04 -10.28 -12.43
N LEU A 92 8.21 -10.67 -11.16
CA LEU A 92 9.29 -10.16 -10.32
C LEU A 92 10.48 -11.12 -10.26
N GLY A 93 10.61 -11.99 -11.27
CA GLY A 93 11.73 -12.91 -11.35
C GLY A 93 11.80 -14.05 -10.33
N GLN A 94 10.74 -14.22 -9.53
CA GLN A 94 10.69 -15.32 -8.55
C GLN A 94 10.06 -16.58 -9.18
N ASN A 95 10.48 -17.76 -8.76
CA ASN A 95 9.89 -18.97 -9.30
C ASN A 95 9.32 -19.86 -8.23
N PRO A 96 8.06 -19.63 -7.86
CA PRO A 96 7.42 -20.45 -6.84
C PRO A 96 6.82 -21.73 -7.42
N THR A 97 6.93 -22.82 -6.67
CA THR A 97 6.15 -24.01 -6.94
C THR A 97 4.69 -23.67 -6.64
N GLU A 98 3.78 -24.28 -7.39
CA GLU A 98 2.37 -23.96 -7.31
C GLU A 98 1.81 -24.35 -5.92
N ALA A 99 2.58 -25.15 -5.18
CA ALA A 99 2.23 -25.54 -3.83
C ALA A 99 2.58 -24.49 -2.77
N GLU A 100 3.47 -23.55 -3.09
CA GLU A 100 3.79 -22.48 -2.14
C GLU A 100 2.85 -21.31 -2.34
N LEU A 101 2.43 -21.11 -3.59
CA LEU A 101 1.39 -20.16 -3.90
C LEU A 101 0.13 -20.48 -3.11
N GLN A 102 -0.17 -21.78 -3.02
CA GLN A 102 -1.29 -22.27 -2.23
C GLN A 102 -1.07 -22.05 -0.74
N ASP A 103 0.15 -22.28 -0.27
CA ASP A 103 0.44 -22.10 1.16
C ASP A 103 0.43 -20.62 1.51
N MET A 104 0.87 -19.77 0.58
CA MET A 104 0.86 -18.33 0.81
C MET A 104 -0.54 -17.75 0.89
N ILE A 105 -1.47 -18.16 0.02
CA ILE A 105 -2.84 -17.69 0.16
C ILE A 105 -3.43 -18.25 1.48
N ASN A 106 -3.25 -19.55 1.73
CA ASN A 106 -3.89 -20.22 2.89
C ASN A 106 -3.52 -19.61 4.25
N GLU A 107 -2.43 -18.84 4.26
CA GLU A 107 -1.79 -18.34 5.46
C GLU A 107 -2.39 -16.99 5.85
N VAL A 108 -3.14 -16.40 4.94
CA VAL A 108 -3.87 -15.16 5.21
C VAL A 108 -5.35 -15.21 4.81
N ASP A 109 -5.90 -16.40 4.65
CA ASP A 109 -7.30 -16.57 4.25
C ASP A 109 -8.20 -16.86 5.47
N ALA A 110 -9.01 -15.89 5.82
CA ALA A 110 -9.92 -16.01 6.95
C ALA A 110 -10.98 -17.06 6.65
N ASP A 111 -11.95 -16.69 5.82
CA ASP A 111 -13.11 -17.55 5.57
C ASP A 111 -12.76 -18.83 4.81
N GLY A 112 -11.47 -19.10 4.64
CA GLY A 112 -11.00 -20.32 4.01
C GLY A 112 -11.65 -20.66 2.69
N ASN A 113 -11.78 -19.68 1.81
CA ASN A 113 -12.40 -19.91 0.50
C ASN A 113 -11.38 -19.93 -0.66
N GLY A 114 -10.09 -19.94 -0.36
CA GLY A 114 -9.07 -20.12 -1.38
C GLY A 114 -8.57 -18.87 -2.08
N THR A 115 -9.23 -17.75 -1.81
CA THR A 115 -8.77 -16.47 -2.34
C THR A 115 -8.59 -15.48 -1.20
N ILE A 116 -8.32 -14.22 -1.55
CA ILE A 116 -8.03 -13.21 -0.56
C ILE A 116 -8.77 -11.91 -0.84
N ASP A 117 -9.66 -11.53 0.08
CA ASP A 117 -10.43 -10.29 -0.01
C ASP A 117 -9.71 -9.11 0.66
N PHE A 118 -10.19 -7.91 0.40
CA PHE A 118 -9.53 -6.72 0.91
C PHE A 118 -9.42 -6.68 2.43
N PRO A 119 -10.50 -7.10 3.16
CA PRO A 119 -10.38 -7.24 4.63
C PRO A 119 -9.26 -8.20 5.06
N GLU A 120 -9.17 -9.36 4.42
CA GLU A 120 -8.08 -10.28 4.76
C GLU A 120 -6.75 -9.64 4.45
N PHE A 121 -6.69 -8.90 3.35
CA PHE A 121 -5.46 -8.24 2.94
C PHE A 121 -5.03 -7.27 4.05
N LEU A 122 -6.00 -6.50 4.53
CA LEU A 122 -5.78 -5.57 5.64
C LEU A 122 -5.15 -6.23 6.87
N THR A 123 -5.63 -7.41 7.21
CA THR A 123 -5.17 -8.08 8.40
C THR A 123 -3.68 -8.43 8.27
N MET A 124 -3.31 -8.96 7.11
CA MET A 124 -1.93 -9.35 6.84
C MET A 124 -0.98 -8.17 6.98
N MET A 125 -1.40 -7.02 6.48
CA MET A 125 -0.60 -5.83 6.62
C MET A 125 -0.45 -5.41 8.07
N ALA A 126 -1.56 -5.48 8.79
CA ALA A 126 -1.60 -5.09 10.19
C ALA A 126 -0.63 -5.93 11.00
N ARG A 127 -0.52 -7.20 10.63
CA ARG A 127 0.11 -8.22 11.48
C ARG A 127 1.57 -7.93 11.82
N LYS A 128 2.45 -7.98 10.81
CA LYS A 128 3.83 -7.58 11.02
C LYS A 128 3.84 -6.05 11.09
N MET A 129 4.58 -5.52 12.06
CA MET A 129 4.41 -4.16 12.56
C MET A 129 3.03 -4.04 13.21
#